data_2RFH
#
_entry.id   2RFH
#
_cell.length_a   42.297
_cell.length_b   62.698
_cell.length_c   48.974
_cell.angle_alpha   90.000
_cell.angle_beta   96.990
_cell.angle_gamma   90.000
#
_symmetry.space_group_name_H-M   'P 1 21 1'
#
loop_
_entity.id
_entity.type
_entity.pdbx_description
1 polymer 'Carboxypeptidase A1'
2 non-polymer 'ZINC ION'
3 non-polymer '(2R)-2-benzyl-3-nitropropanoic acid'
4 water water
#
_entity_poly.entity_id   1
_entity_poly.type   'polypeptide(L)'
_entity_poly.pdbx_seq_one_letter_code
;ARSTNTFNYATYHTLDEIYDFMDLLVAEHPQLVSKLQIGRSYEGRPIYVLKFSTGGSNRPAIWIDLGIHSREWITQATGV
WFAKKFTEDYGQDPSFTAILDSMDIFLEIVTNPDGFAFTHSQNRLWRKTRSVTSSSLCVGVDANRNWDAGFGKAGASSSP
CSETYHGKYANSEVEVKSIVDFVKDHGNFKAFLSIHSYSQLLLYPYGYTTQSIPDKTELNQVAKSAVAALKSLYGTSYKY
GSIITTIYQASGGSIDWSYNQGIKYSFTFELRDTGRYGFLLPASQIIPTAQETWLGVLTIMEHTVNN
;
_entity_poly.pdbx_strand_id   A
#
# COMPACT_ATOMS: atom_id res chain seq x y z
N ALA A 1 -14.30 -18.64 4.07
CA ALA A 1 -14.83 -19.31 5.31
C ALA A 1 -13.74 -20.00 6.17
N ARG A 2 -13.40 -21.24 5.83
CA ARG A 2 -12.53 -22.08 6.67
C ARG A 2 -11.15 -22.36 6.06
N SER A 3 -11.02 -22.04 4.77
CA SER A 3 -9.74 -22.12 4.08
C SER A 3 -9.61 -20.93 3.16
N THR A 4 -8.38 -20.65 2.73
CA THR A 4 -8.15 -19.55 1.77
C THR A 4 -8.72 -19.84 0.38
N ASN A 5 -9.09 -21.08 0.12
CA ASN A 5 -9.79 -21.41 -1.13
C ASN A 5 -11.33 -21.29 -1.03
N THR A 6 -11.88 -21.31 0.19
CA THR A 6 -13.31 -21.03 0.38
C THR A 6 -13.60 -19.56 0.70
N PHE A 7 -12.54 -18.82 0.97
CA PHE A 7 -12.64 -17.38 1.18
C PHE A 7 -13.17 -16.74 -0.12
N ASN A 8 -14.14 -15.85 -0.02
CA ASN A 8 -14.70 -15.21 -1.20
C ASN A 8 -13.85 -13.98 -1.60
N TYR A 9 -13.03 -14.13 -2.64
CA TYR A 9 -12.22 -13.00 -3.11
C TYR A 9 -13.02 -11.97 -3.92
N ALA A 10 -14.23 -12.33 -4.31
CA ALA A 10 -15.08 -11.46 -5.14
C ALA A 10 -16.11 -10.67 -4.37
N THR A 11 -15.87 -10.49 -3.07
CA THR A 11 -16.70 -9.65 -2.23
C THR A 11 -15.82 -8.84 -1.28
N TYR A 12 -16.33 -7.70 -0.81
CA TYR A 12 -15.62 -6.89 0.18
C TYR A 12 -15.80 -7.42 1.59
N HIS A 13 -14.75 -7.29 2.39
CA HIS A 13 -14.70 -7.88 3.72
C HIS A 13 -14.55 -6.89 4.84
N THR A 14 -14.87 -7.37 6.05
CA THR A 14 -14.65 -6.60 7.25
C THR A 14 -13.22 -6.77 7.74
N LEU A 15 -12.85 -5.92 8.69
CA LEU A 15 -11.54 -6.03 9.32
C LEU A 15 -11.29 -7.42 9.89
N ASP A 16 -12.24 -7.92 10.67
CA ASP A 16 -12.11 -9.20 11.30
C ASP A 16 -11.98 -10.35 10.30
N GLU A 17 -12.71 -10.27 9.20
CA GLU A 17 -12.60 -11.27 8.13
C GLU A 17 -11.24 -11.27 7.46
N ILE A 18 -10.69 -10.08 7.24
CA ILE A 18 -9.35 -9.98 6.65
C ILE A 18 -8.29 -10.51 7.63
N TYR A 19 -8.42 -10.12 8.90
CA TYR A 19 -7.51 -10.59 9.96
C TYR A 19 -7.57 -12.12 10.09
N ASP A 20 -8.76 -12.68 9.95
CA ASP A 20 -8.93 -14.13 10.01
C ASP A 20 -8.22 -14.78 8.82
N PHE A 21 -8.44 -14.22 7.63
CA PHE A 21 -7.77 -14.67 6.42
C PHE A 21 -6.26 -14.79 6.61
N MET A 22 -5.63 -13.81 7.28
CA MET A 22 -4.18 -13.83 7.50
C MET A 22 -3.75 -15.06 8.27
N ASP A 23 -4.43 -15.33 9.38
CA ASP A 23 -4.20 -16.51 10.24
C ASP A 23 -4.38 -17.79 9.41
N LEU A 24 -5.42 -17.85 8.58
CA LEU A 24 -5.61 -19.04 7.74
C LEU A 24 -4.48 -19.25 6.74
N LEU A 25 -4.01 -18.18 6.12
CA LEU A 25 -2.98 -18.28 5.13
C LEU A 25 -1.62 -18.70 5.74
N VAL A 26 -1.33 -18.16 6.92
CA VAL A 26 -0.16 -18.56 7.71
C VAL A 26 -0.24 -20.06 8.08
N ALA A 27 -1.41 -20.49 8.55
CA ALA A 27 -1.62 -21.92 8.88
C ALA A 27 -1.39 -22.84 7.67
N GLU A 28 -1.87 -22.42 6.51
CA GLU A 28 -1.77 -23.22 5.29
C GLU A 28 -0.40 -23.18 4.65
N HIS A 29 0.34 -22.08 4.86
CA HIS A 29 1.64 -21.93 4.21
C HIS A 29 2.75 -21.57 5.20
N PRO A 30 2.97 -22.44 6.22
CA PRO A 30 3.87 -22.05 7.32
C PRO A 30 5.35 -21.92 6.92
N GLN A 31 5.72 -22.46 5.77
CA GLN A 31 7.11 -22.45 5.28
C GLN A 31 7.38 -21.18 4.45
N LEU A 32 6.34 -20.38 4.21
CA LEU A 32 6.46 -19.19 3.35
C LEU A 32 5.98 -17.91 4.03
N VAL A 33 4.90 -18.01 4.79
CA VAL A 33 4.25 -16.80 5.32
C VAL A 33 4.15 -16.77 6.85
N SER A 34 4.50 -15.62 7.42
CA SER A 34 4.34 -15.39 8.85
C SER A 34 3.63 -14.05 9.05
N LYS A 35 2.96 -13.91 10.18
CA LYS A 35 2.19 -12.71 10.49
C LYS A 35 2.91 -11.95 11.59
N LEU A 36 3.21 -10.68 11.30
CA LEU A 36 3.95 -9.82 12.23
C LEU A 36 3.04 -8.72 12.70
N GLN A 37 3.14 -8.41 13.99
CA GLN A 37 2.40 -7.30 14.57
C GLN A 37 3.41 -6.17 14.76
N ILE A 38 3.26 -5.14 13.93
CA ILE A 38 4.22 -4.02 13.93
C ILE A 38 3.77 -2.85 14.84
N GLY A 39 2.65 -3.02 15.51
CA GLY A 39 2.13 -1.95 16.36
C GLY A 39 0.65 -2.15 16.66
N ARG A 40 0.05 -1.18 17.33
CA ARG A 40 -1.40 -1.15 17.51
C ARG A 40 -1.88 0.22 17.11
N SER A 41 -3.06 0.28 16.51
CA SER A 41 -3.63 1.54 16.04
C SER A 41 -3.97 2.49 17.18
N TYR A 42 -4.41 3.71 16.83
CA TYR A 42 -4.84 4.67 17.85
C TYR A 42 -5.87 4.00 18.77
N GLU A 43 -6.84 3.31 18.18
CA GLU A 43 -7.88 2.64 18.99
C GLU A 43 -7.52 1.25 19.48
N GLY A 44 -6.23 0.90 19.39
CA GLY A 44 -5.71 -0.35 19.96
C GLY A 44 -5.91 -1.63 19.16
N ARG A 45 -6.26 -1.50 17.87
CA ARG A 45 -6.30 -2.69 16.99
C ARG A 45 -4.89 -3.10 16.53
N PRO A 46 -4.60 -4.43 16.50
CA PRO A 46 -3.28 -4.88 16.03
C PRO A 46 -3.08 -4.47 14.59
N ILE A 47 -1.86 -4.09 14.29
CA ILE A 47 -1.46 -3.68 12.94
C ILE A 47 -0.58 -4.81 12.40
N TYR A 48 -1.05 -5.46 11.33
CA TYR A 48 -0.43 -6.71 10.89
C TYR A 48 0.26 -6.61 9.56
N VAL A 49 1.46 -7.20 9.47
CA VAL A 49 2.22 -7.27 8.22
C VAL A 49 2.45 -8.73 7.92
N LEU A 50 2.11 -9.16 6.71
CA LEU A 50 2.42 -10.52 6.28
C LEU A 50 3.80 -10.54 5.67
N LYS A 51 4.67 -11.38 6.25
CA LYS A 51 6.01 -11.59 5.70
C LYS A 51 6.05 -12.85 4.83
N PHE A 52 6.44 -12.68 3.58
CA PHE A 52 6.66 -13.77 2.64
C PHE A 52 8.15 -13.97 2.46
N SER A 53 8.62 -15.15 2.87
CA SER A 53 10.05 -15.36 2.93
C SER A 53 10.35 -16.85 2.79
N THR A 54 11.44 -17.15 2.12
CA THR A 54 11.83 -18.56 2.03
C THR A 54 13.08 -18.79 2.88
N GLY A 55 13.49 -17.77 3.63
CA GLY A 55 14.67 -17.91 4.52
C GLY A 55 15.53 -16.66 4.66
N GLY A 56 16.78 -16.83 5.11
CA GLY A 56 17.66 -15.69 5.43
C GLY A 56 17.26 -14.94 6.70
N SER A 57 18.03 -13.96 7.18
CA SER A 57 19.31 -13.43 6.70
C SER A 57 19.26 -11.91 6.37
N ASN A 58 18.17 -11.22 6.75
CA ASN A 58 17.95 -9.81 6.37
C ASN A 58 17.95 -9.62 4.85
N ARG A 59 17.21 -10.50 4.17
CA ARG A 59 17.15 -10.49 2.71
C ARG A 59 16.62 -9.16 2.18
N PRO A 60 17.12 -8.71 0.99
CA PRO A 60 16.60 -7.48 0.38
C PRO A 60 15.10 -7.62 0.28
N ALA A 61 14.37 -6.54 0.49
CA ALA A 61 12.93 -6.68 0.66
C ALA A 61 12.11 -5.70 -0.12
N ILE A 62 10.87 -6.13 -0.34
CA ILE A 62 9.85 -5.33 -0.98
C ILE A 62 8.78 -5.00 0.06
N TRP A 63 8.46 -3.72 0.23
CA TRP A 63 7.33 -3.28 1.07
C TRP A 63 6.11 -2.96 0.22
N ILE A 64 4.94 -3.42 0.64
CA ILE A 64 3.68 -3.01 -0.03
C ILE A 64 2.66 -2.67 1.05
N ASP A 65 2.13 -1.44 1.02
CA ASP A 65 1.07 -1.07 1.96
C ASP A 65 -0.21 -0.79 1.19
N LEU A 66 -1.33 -1.22 1.75
CA LEU A 66 -2.65 -0.97 1.15
C LEU A 66 -3.55 -0.41 2.23
N GLY A 67 -4.62 0.27 1.80
CA GLY A 67 -5.62 0.79 2.73
C GLY A 67 -5.19 1.83 3.74
N ILE A 68 -4.16 2.63 3.42
CA ILE A 68 -3.81 3.75 4.31
C ILE A 68 -4.94 4.77 4.38
N HIS A 69 -5.68 4.91 3.29
CA HIS A 69 -6.92 5.69 3.24
C HIS A 69 -8.07 4.71 3.27
N SER A 70 -8.86 4.77 4.33
CA SER A 70 -9.73 3.62 4.65
C SER A 70 -10.83 3.36 3.63
N ARG A 71 -11.36 4.42 3.02
CA ARG A 71 -12.48 4.29 2.05
C ARG A 71 -12.11 3.62 0.73
N GLU A 72 -10.81 3.42 0.52
CA GLU A 72 -10.31 2.94 -0.76
C GLU A 72 -10.35 1.42 -0.75
N TRP A 73 -11.58 0.91 -0.63
CA TRP A 73 -11.87 -0.53 -0.43
C TRP A 73 -11.24 -1.47 -1.44
N ILE A 74 -11.10 -1.02 -2.68
CA ILE A 74 -10.47 -1.87 -3.68
C ILE A 74 -9.05 -2.29 -3.25
N THR A 75 -8.39 -1.42 -2.47
CA THR A 75 -7.02 -1.69 -2.06
C THR A 75 -6.93 -2.83 -1.06
N GLN A 76 -7.70 -2.80 0.02
CA GLN A 76 -7.66 -3.91 0.97
C GLN A 76 -8.07 -5.25 0.32
N ALA A 77 -9.08 -5.19 -0.57
CA ALA A 77 -9.55 -6.34 -1.33
C ALA A 77 -8.44 -6.90 -2.24
N THR A 78 -7.69 -6.00 -2.87
CA THR A 78 -6.56 -6.36 -3.68
C THR A 78 -5.42 -6.93 -2.82
N GLY A 79 -5.22 -6.36 -1.62
CA GLY A 79 -4.18 -6.89 -0.72
C GLY A 79 -4.39 -8.36 -0.35
N VAL A 80 -5.64 -8.72 -0.05
CA VAL A 80 -6.03 -10.11 0.28
C VAL A 80 -5.71 -11.01 -0.91
N TRP A 81 -6.07 -10.54 -2.11
CA TRP A 81 -5.85 -11.30 -3.32
C TRP A 81 -4.36 -11.46 -3.56
N PHE A 82 -3.59 -10.38 -3.33
CA PHE A 82 -2.14 -10.42 -3.48
C PHE A 82 -1.56 -11.49 -2.56
N ALA A 83 -2.00 -11.50 -1.31
CA ALA A 83 -1.44 -12.41 -0.31
C ALA A 83 -1.63 -13.86 -0.78
N LYS A 84 -2.84 -14.15 -1.25
CA LYS A 84 -3.13 -15.48 -1.76
C LYS A 84 -2.29 -15.83 -2.98
N LYS A 85 -2.21 -14.87 -3.91
CA LYS A 85 -1.48 -15.04 -5.15
C LYS A 85 -0.01 -15.36 -4.88
N PHE A 86 0.59 -14.75 -3.84
CA PHE A 86 2.00 -15.02 -3.55
C PHE A 86 2.19 -16.50 -3.22
N THR A 87 1.25 -17.05 -2.47
CA THR A 87 1.31 -18.47 -2.06
C THR A 87 0.96 -19.39 -3.25
N GLU A 88 0.17 -18.88 -4.21
CA GLU A 88 -0.15 -19.63 -5.44
C GLU A 88 1.02 -19.74 -6.41
N ASP A 89 1.69 -18.63 -6.66
CA ASP A 89 2.68 -18.54 -7.71
C ASP A 89 4.11 -18.92 -7.32
N TYR A 90 4.39 -18.86 -6.02
CA TYR A 90 5.65 -19.36 -5.50
C TYR A 90 5.73 -20.87 -5.76
N GLY A 91 6.74 -21.26 -6.52
CA GLY A 91 6.89 -22.66 -6.96
C GLY A 91 6.32 -22.91 -8.36
N GLN A 92 5.52 -21.95 -8.84
CA GLN A 92 4.81 -22.10 -10.11
C GLN A 92 5.37 -21.17 -11.19
N ASP A 93 5.35 -19.86 -10.91
CA ASP A 93 5.95 -18.86 -11.78
C ASP A 93 7.45 -18.78 -11.43
N PRO A 94 8.33 -19.10 -12.40
CA PRO A 94 9.78 -19.11 -12.20
C PRO A 94 10.35 -17.74 -11.82
N SER A 95 9.86 -16.70 -12.50
CA SER A 95 10.25 -15.31 -12.23
C SER A 95 9.93 -14.91 -10.79
N PHE A 96 8.70 -15.19 -10.36
CA PHE A 96 8.27 -14.86 -8.99
C PHE A 96 8.95 -15.76 -7.97
N THR A 97 9.10 -17.04 -8.30
CA THR A 97 9.84 -17.95 -7.42
C THR A 97 11.27 -17.43 -7.19
N ALA A 98 11.91 -16.93 -8.24
CA ALA A 98 13.25 -16.38 -8.12
C ALA A 98 13.27 -15.15 -7.22
N ILE A 99 12.25 -14.30 -7.35
CA ILE A 99 12.16 -13.14 -6.44
C ILE A 99 12.13 -13.60 -4.98
N LEU A 100 11.23 -14.53 -4.64
CA LEU A 100 11.07 -14.98 -3.27
C LEU A 100 12.22 -15.90 -2.78
N ASP A 101 12.96 -16.45 -3.73
CA ASP A 101 14.12 -17.26 -3.33
C ASP A 101 15.31 -16.38 -2.85
N SER A 102 15.29 -15.08 -3.18
CA SER A 102 16.40 -14.16 -2.83
C SER A 102 15.94 -12.91 -2.04
N MET A 103 14.63 -12.71 -2.02
CA MET A 103 14.05 -11.48 -1.41
C MET A 103 12.85 -11.85 -0.56
N ASP A 104 12.53 -10.95 0.38
CA ASP A 104 11.32 -11.09 1.18
C ASP A 104 10.33 -10.04 0.69
N ILE A 105 9.05 -10.35 0.87
CA ILE A 105 7.98 -9.38 0.65
C ILE A 105 7.23 -9.18 1.96
N PHE A 106 7.07 -7.91 2.33
CA PHE A 106 6.26 -7.51 3.46
C PHE A 106 5.01 -6.79 2.95
N LEU A 107 3.86 -7.33 3.31
CA LEU A 107 2.56 -6.89 2.81
C LEU A 107 1.68 -6.44 3.96
N GLU A 108 1.30 -5.16 3.94
CA GLU A 108 0.41 -4.61 4.95
C GLU A 108 -0.96 -4.31 4.30
N ILE A 109 -1.92 -5.21 4.52
CA ILE A 109 -3.21 -5.17 3.82
C ILE A 109 -4.11 -4.04 4.33
N VAL A 110 -4.11 -3.82 5.65
CA VAL A 110 -4.97 -2.79 6.26
C VAL A 110 -4.13 -1.79 7.06
N THR A 111 -3.59 -0.81 6.37
CA THR A 111 -2.63 0.12 6.97
C THR A 111 -3.28 1.07 7.98
N ASN A 112 -4.59 1.28 7.83
CA ASN A 112 -5.38 2.15 8.71
C ASN A 112 -6.62 1.35 9.20
N PRO A 113 -6.42 0.43 10.16
CA PRO A 113 -7.55 -0.44 10.58
C PRO A 113 -8.70 0.31 11.26
N ASP A 114 -8.38 1.38 12.01
CA ASP A 114 -9.45 2.15 12.68
C ASP A 114 -10.35 2.80 11.64
N GLY A 115 -9.74 3.44 10.63
CA GLY A 115 -10.52 4.03 9.56
C GLY A 115 -11.36 2.98 8.85
N PHE A 116 -10.76 1.79 8.64
CA PHE A 116 -11.44 0.70 7.88
C PHE A 116 -12.65 0.24 8.67
N ALA A 117 -12.45 -0.03 9.95
CA ALA A 117 -13.57 -0.41 10.82
C ALA A 117 -14.67 0.65 10.74
N PHE A 118 -14.27 1.93 10.76
CA PHE A 118 -15.19 3.07 10.69
C PHE A 118 -15.95 3.18 9.34
N THR A 119 -15.31 2.82 8.23
CA THR A 119 -16.03 2.81 6.94
C THR A 119 -17.08 1.70 6.88
N HIS A 120 -16.96 0.71 7.77
CA HIS A 120 -17.96 -0.37 7.88
C HIS A 120 -19.13 -0.04 8.83
N SER A 121 -18.84 0.68 9.91
CA SER A 121 -19.83 0.93 10.97
C SER A 121 -20.53 2.29 10.91
N GLN A 122 -19.89 3.29 10.31
CA GLN A 122 -20.40 4.67 10.38
C GLN A 122 -20.36 5.47 9.09
N ASN A 123 -19.22 5.42 8.39
CA ASN A 123 -19.03 6.39 7.32
C ASN A 123 -18.19 5.74 6.24
N ARG A 124 -18.86 5.30 5.18
CA ARG A 124 -18.22 4.56 4.07
C ARG A 124 -17.10 5.36 3.39
N LEU A 125 -17.19 6.70 3.48
CA LEU A 125 -16.26 7.61 2.82
C LEU A 125 -15.17 8.16 3.74
N TRP A 126 -15.05 7.58 4.93
CA TRP A 126 -14.02 8.05 5.89
C TRP A 126 -12.64 7.70 5.34
N ARG A 127 -11.70 8.64 5.44
CA ARG A 127 -10.37 8.44 4.84
C ARG A 127 -9.21 8.49 5.83
N LYS A 128 -9.36 9.33 6.85
CA LYS A 128 -8.27 9.59 7.79
C LYS A 128 -8.13 8.49 8.83
N THR A 129 -7.14 8.66 9.73
CA THR A 129 -7.08 7.81 10.92
C THR A 129 -8.24 8.21 11.84
N ARG A 130 -8.25 7.66 13.04
CA ARG A 130 -9.29 7.99 14.03
C ARG A 130 -8.71 8.60 15.32
N SER A 131 -7.53 9.19 15.20
CA SER A 131 -6.93 9.81 16.39
C SER A 131 -7.73 11.04 16.83
N VAL A 132 -7.76 11.24 18.15
CA VAL A 132 -8.47 12.37 18.75
C VAL A 132 -7.54 13.07 19.74
N THR A 133 -7.65 14.40 19.78
CA THR A 133 -6.98 15.22 20.80
C THR A 133 -8.00 16.22 21.32
N SER A 134 -7.77 16.72 22.52
CA SER A 134 -8.66 17.70 23.09
C SER A 134 -8.47 19.06 22.39
N SER A 135 -7.47 19.15 21.51
CA SER A 135 -7.15 20.39 20.78
C SER A 135 -8.23 20.81 19.74
N SER A 136 -9.06 19.84 19.35
CA SER A 136 -10.08 20.00 18.31
C SER A 136 -11.21 18.94 18.46
N LEU A 137 -12.43 19.28 18.04
CA LEU A 137 -13.52 18.30 18.00
C LEU A 137 -13.38 17.34 16.81
N CYS A 138 -12.58 17.74 15.82
CA CYS A 138 -12.42 16.99 14.56
C CYS A 138 -11.50 15.79 14.78
N VAL A 139 -11.77 14.71 14.06
CA VAL A 139 -11.08 13.43 14.30
C VAL A 139 -10.16 13.09 13.12
N GLY A 140 -8.96 12.63 13.44
CA GLY A 140 -8.13 11.93 12.47
C GLY A 140 -7.18 12.80 11.69
N VAL A 141 -6.18 12.12 11.15
CA VAL A 141 -5.12 12.71 10.35
C VAL A 141 -5.07 11.94 9.01
N ASP A 142 -4.72 12.65 7.94
CA ASP A 142 -4.47 11.99 6.67
C ASP A 142 -3.13 11.29 6.82
N ALA A 143 -3.17 9.97 6.93
CA ALA A 143 -1.93 9.22 7.17
C ALA A 143 -0.94 9.32 5.98
N ASN A 144 -1.42 9.71 4.79
CA ASN A 144 -0.48 9.88 3.67
C ASN A 144 -0.03 11.33 3.49
N ARG A 145 -0.17 12.12 4.55
CA ARG A 145 0.41 13.48 4.64
C ARG A 145 1.24 13.65 5.94
N ASN A 146 1.41 12.52 6.66
CA ASN A 146 1.97 12.50 8.00
C ASN A 146 3.45 12.10 8.03
N TRP A 147 4.01 11.76 6.86
CA TRP A 147 5.38 11.24 6.83
C TRP A 147 6.39 12.36 6.82
N ASP A 148 7.61 12.05 7.26
CA ASP A 148 8.67 13.05 7.38
C ASP A 148 9.37 13.25 6.04
N ALA A 149 8.63 13.79 5.09
CA ALA A 149 9.17 14.11 3.78
C ALA A 149 8.43 15.35 3.30
N GLY A 150 9.09 16.50 3.42
CA GLY A 150 8.42 17.77 3.16
C GLY A 150 7.22 17.97 4.08
N PHE A 151 7.30 17.43 5.29
CA PHE A 151 6.14 17.49 6.20
C PHE A 151 5.75 18.95 6.47
N GLY A 152 4.46 19.25 6.29
CA GLY A 152 3.92 20.58 6.60
C GLY A 152 3.98 21.56 5.43
N LYS A 153 4.68 21.18 4.36
CA LYS A 153 4.74 22.02 3.15
C LYS A 153 3.42 22.02 2.36
N ALA A 154 3.32 22.93 1.40
CA ALA A 154 2.15 22.99 0.52
C ALA A 154 1.86 21.62 -0.09
N GLY A 155 0.59 21.27 -0.18
CA GLY A 155 0.23 19.90 -0.56
C GLY A 155 -0.36 19.11 0.59
N ALA A 156 -0.47 19.75 1.76
CA ALA A 156 -1.24 19.22 2.89
C ALA A 156 -1.88 20.39 3.64
N SER A 157 -2.83 20.07 4.51
CA SER A 157 -3.50 21.09 5.31
C SER A 157 -3.09 21.07 6.79
N SER A 158 -2.94 22.27 7.37
CA SER A 158 -2.59 22.38 8.77
C SER A 158 -3.83 22.40 9.69
N SER A 159 -5.03 22.37 9.09
CA SER A 159 -6.28 22.43 9.85
C SER A 159 -6.77 21.03 10.28
N PRO A 160 -6.94 20.80 11.58
CA PRO A 160 -7.40 19.49 12.05
C PRO A 160 -8.67 18.96 11.39
N CYS A 161 -9.57 19.84 10.94
CA CYS A 161 -10.82 19.39 10.32
C CYS A 161 -10.66 19.02 8.85
N SER A 162 -9.51 19.31 8.26
CA SER A 162 -9.28 18.98 6.86
C SER A 162 -9.13 17.48 6.59
N GLU A 163 -9.59 17.08 5.41
CA GLU A 163 -9.43 15.70 4.95
C GLU A 163 -7.97 15.38 4.60
N THR A 164 -7.17 16.42 4.42
CA THR A 164 -5.74 16.31 4.12
C THR A 164 -4.88 16.85 5.26
N TYR A 165 -5.47 16.91 6.47
CA TYR A 165 -4.74 17.31 7.66
C TYR A 165 -3.48 16.46 7.89
N HIS A 166 -2.35 17.14 8.05
CA HIS A 166 -1.05 16.46 8.18
C HIS A 166 -0.73 15.93 9.59
N GLY A 167 -1.52 16.35 10.58
CA GLY A 167 -1.21 16.04 11.98
C GLY A 167 -0.28 17.09 12.57
N LYS A 168 -0.07 17.02 13.88
CA LYS A 168 0.70 18.04 14.60
C LYS A 168 2.21 17.98 14.36
N TYR A 169 2.72 16.78 14.08
CA TYR A 169 4.14 16.60 13.78
C TYR A 169 4.29 15.35 12.93
N ALA A 170 5.42 15.23 12.23
CA ALA A 170 5.66 14.03 11.41
C ALA A 170 5.64 12.76 12.26
N ASN A 171 5.01 11.72 11.74
CA ASN A 171 4.85 10.42 12.43
C ASN A 171 3.99 10.45 13.69
N SER A 172 3.16 11.49 13.83
CA SER A 172 2.24 11.56 14.97
C SER A 172 1.29 10.36 15.01
N GLU A 173 0.92 9.86 13.84
CA GLU A 173 0.00 8.72 13.73
C GLU A 173 0.77 7.43 13.94
N VAL A 174 0.38 6.70 14.97
CA VAL A 174 1.00 5.39 15.22
C VAL A 174 0.97 4.46 14.01
N GLU A 175 -0.04 4.59 13.16
CA GLU A 175 -0.09 3.76 11.95
C GLU A 175 1.08 4.04 11.00
N VAL A 176 1.61 5.26 11.04
CA VAL A 176 2.74 5.66 10.20
C VAL A 176 4.04 5.33 10.93
N LYS A 177 4.10 5.71 12.21
CA LYS A 177 5.32 5.44 13.01
C LYS A 177 5.65 3.95 13.04
N SER A 178 4.63 3.09 13.05
CA SER A 178 4.84 1.63 13.09
C SER A 178 5.58 1.18 11.81
N ILE A 179 5.24 1.81 10.68
CA ILE A 179 5.89 1.42 9.42
C ILE A 179 7.33 1.94 9.38
N VAL A 180 7.47 3.21 9.73
CA VAL A 180 8.77 3.88 9.83
C VAL A 180 9.75 3.07 10.72
N ASP A 181 9.30 2.69 11.92
CA ASP A 181 10.15 1.89 12.82
C ASP A 181 10.52 0.55 12.16
N PHE A 182 9.54 -0.15 11.60
CA PHE A 182 9.77 -1.45 10.93
C PHE A 182 10.79 -1.35 9.79
N VAL A 183 10.61 -0.34 8.92
CA VAL A 183 11.46 -0.16 7.76
C VAL A 183 12.87 0.29 8.18
N LYS A 184 12.94 1.22 9.14
CA LYS A 184 14.23 1.62 9.73
C LYS A 184 14.98 0.46 10.42
N ASP A 185 14.25 -0.34 11.23
CA ASP A 185 14.80 -1.53 11.92
C ASP A 185 15.42 -2.46 10.89
N HIS A 186 14.67 -2.70 9.81
CA HIS A 186 15.07 -3.63 8.77
C HIS A 186 16.33 -3.19 8.04
N GLY A 187 16.29 -2.00 7.46
CA GLY A 187 17.46 -1.40 6.82
C GLY A 187 17.81 -1.89 5.42
N ASN A 188 17.03 -2.83 4.87
CA ASN A 188 17.41 -3.40 3.58
C ASN A 188 16.24 -3.55 2.63
N PHE A 189 15.37 -2.53 2.60
CA PHE A 189 14.31 -2.47 1.59
C PHE A 189 14.79 -1.88 0.28
N LYS A 190 14.34 -2.51 -0.81
CA LYS A 190 14.70 -2.12 -2.17
C LYS A 190 13.52 -1.52 -2.93
N ALA A 191 12.30 -1.90 -2.54
CA ALA A 191 11.10 -1.30 -3.15
C ALA A 191 10.09 -1.00 -2.07
N PHE A 192 9.24 0.00 -2.32
CA PHE A 192 8.23 0.44 -1.34
C PHE A 192 7.06 0.89 -2.21
N LEU A 193 5.98 0.11 -2.19
CA LEU A 193 4.79 0.35 -3.03
C LEU A 193 3.59 0.64 -2.14
N SER A 194 2.99 1.81 -2.35
CA SER A 194 1.84 2.23 -1.55
C SER A 194 0.64 2.21 -2.47
N ILE A 195 -0.39 1.48 -2.06
CA ILE A 195 -1.51 1.23 -2.93
C ILE A 195 -2.74 1.99 -2.46
N HIS A 196 -3.29 2.77 -3.40
CA HIS A 196 -4.45 3.63 -3.19
C HIS A 196 -5.49 3.42 -4.29
N SER A 197 -6.63 4.09 -4.14
CA SER A 197 -7.54 4.30 -5.28
C SER A 197 -8.18 5.67 -5.12
N TYR A 198 -8.79 6.23 -6.16
CA TYR A 198 -8.85 5.67 -7.53
C TYR A 198 -8.25 6.72 -8.45
N SER A 199 -7.95 6.33 -9.69
CA SER A 199 -7.60 7.27 -10.80
C SER A 199 -6.77 6.61 -11.89
N GLN A 200 -6.32 5.37 -11.65
CA GLN A 200 -5.53 4.63 -12.62
C GLN A 200 -4.22 5.36 -12.94
N LEU A 201 -3.40 5.51 -11.90
CA LEU A 201 -2.12 6.20 -12.04
C LEU A 201 -1.02 5.36 -11.41
N LEU A 202 0.19 5.49 -11.94
CA LEU A 202 1.34 4.91 -11.30
C LEU A 202 2.33 6.06 -11.13
N LEU A 203 2.59 6.37 -9.87
CA LEU A 203 3.32 7.60 -9.54
C LEU A 203 4.63 7.29 -8.85
N TYR A 204 5.66 8.08 -9.13
CA TYR A 204 6.94 8.03 -8.42
C TYR A 204 7.23 9.41 -7.78
N PRO A 205 8.26 9.52 -6.94
CA PRO A 205 8.50 10.77 -6.22
C PRO A 205 8.98 11.89 -7.15
N TYR A 206 8.86 13.15 -6.75
CA TYR A 206 8.23 13.59 -5.49
C TYR A 206 6.84 14.19 -5.68
N GLY A 207 6.09 14.24 -4.57
CA GLY A 207 4.89 15.06 -4.46
C GLY A 207 5.16 16.43 -3.86
N TYR A 208 6.18 16.56 -3.02
CA TYR A 208 6.29 17.82 -2.26
C TYR A 208 7.12 18.90 -2.92
N THR A 209 7.81 18.53 -3.99
CA THR A 209 8.71 19.45 -4.70
C THR A 209 8.79 19.06 -6.15
N THR A 210 9.04 20.06 -6.98
CA THR A 210 9.19 19.90 -8.43
C THR A 210 10.58 19.35 -8.80
N GLN A 211 11.52 19.34 -7.85
CA GLN A 211 12.87 18.78 -8.05
C GLN A 211 12.76 17.35 -8.53
N SER A 212 13.40 17.05 -9.66
CA SER A 212 13.51 15.68 -10.16
C SER A 212 14.38 14.82 -9.25
N ILE A 213 13.94 13.58 -9.01
CA ILE A 213 14.75 12.60 -8.29
C ILE A 213 15.88 12.14 -9.22
N PRO A 214 17.03 11.74 -8.64
CA PRO A 214 18.15 11.27 -9.48
C PRO A 214 17.90 9.95 -10.16
N ASP A 215 16.81 9.26 -9.82
CA ASP A 215 16.40 8.06 -10.55
C ASP A 215 15.22 8.27 -11.51
N LYS A 216 14.94 9.52 -11.87
CA LYS A 216 13.73 9.82 -12.63
C LYS A 216 13.61 9.04 -13.91
N THR A 217 14.67 9.01 -14.71
CA THR A 217 14.59 8.40 -16.03
C THR A 217 14.23 6.92 -15.89
N GLU A 218 14.91 6.26 -14.94
CA GLU A 218 14.71 4.84 -14.72
C GLU A 218 13.30 4.54 -14.21
N LEU A 219 12.90 5.25 -13.14
CA LEU A 219 11.57 4.98 -12.60
C LEU A 219 10.46 5.30 -13.60
N ASN A 220 10.67 6.32 -14.43
CA ASN A 220 9.69 6.65 -15.44
C ASN A 220 9.46 5.49 -16.40
N GLN A 221 10.56 4.85 -16.81
CA GLN A 221 10.46 3.71 -17.71
C GLN A 221 9.99 2.41 -17.05
N VAL A 222 10.43 2.17 -15.82
CA VAL A 222 9.85 1.07 -15.02
C VAL A 222 8.34 1.29 -14.95
N ALA A 223 7.91 2.52 -14.67
CA ALA A 223 6.48 2.85 -14.60
C ALA A 223 5.80 2.56 -15.93
N LYS A 224 6.38 3.03 -17.04
CA LYS A 224 5.82 2.76 -18.37
C LYS A 224 5.64 1.26 -18.63
N SER A 225 6.65 0.47 -18.25
CA SER A 225 6.62 -0.96 -18.46
C SER A 225 5.58 -1.64 -17.58
N ALA A 226 5.44 -1.14 -16.35
CA ALA A 226 4.45 -1.69 -15.42
C ALA A 226 3.02 -1.40 -15.89
N VAL A 227 2.78 -0.16 -16.32
CA VAL A 227 1.51 0.27 -16.91
C VAL A 227 1.16 -0.60 -18.14
N ALA A 228 2.14 -0.86 -19.02
CA ALA A 228 1.89 -1.73 -20.19
C ALA A 228 1.48 -3.16 -19.78
N ALA A 229 2.18 -3.70 -18.78
CA ALA A 229 1.90 -5.04 -18.27
C ALA A 229 0.49 -5.09 -17.69
N LEU A 230 0.14 -4.07 -16.92
CA LEU A 230 -1.17 -3.97 -16.29
C LEU A 230 -2.24 -3.90 -17.39
N LYS A 231 -2.03 -3.02 -18.37
CA LYS A 231 -2.98 -2.82 -19.48
C LYS A 231 -3.20 -4.11 -20.29
N SER A 232 -2.21 -4.98 -20.29
CA SER A 232 -2.22 -6.13 -21.18
C SER A 232 -3.37 -7.12 -20.93
N LEU A 233 -3.83 -7.22 -19.69
CA LEU A 233 -4.82 -8.24 -19.33
C LEU A 233 -6.21 -7.85 -19.79
N TYR A 234 -6.70 -6.69 -19.34
CA TYR A 234 -8.08 -6.30 -19.59
C TYR A 234 -8.23 -4.96 -20.28
N GLY A 235 -7.11 -4.32 -20.59
CA GLY A 235 -7.10 -3.06 -21.31
C GLY A 235 -7.14 -1.84 -20.41
N THR A 236 -6.96 -2.05 -19.11
CA THR A 236 -7.06 -0.96 -18.15
C THR A 236 -5.91 0.03 -18.34
N SER A 237 -6.27 1.29 -18.64
CA SER A 237 -5.27 2.28 -19.06
C SER A 237 -4.84 3.21 -17.92
N TYR A 238 -3.54 3.20 -17.61
CA TYR A 238 -2.99 4.06 -16.55
C TYR A 238 -2.16 5.21 -17.13
N LYS A 239 -2.13 6.32 -16.42
CA LYS A 239 -1.18 7.40 -16.66
C LYS A 239 -0.08 7.28 -15.63
N TYR A 240 1.08 7.88 -15.93
CA TYR A 240 2.20 7.73 -15.03
C TYR A 240 3.13 8.94 -15.06
N GLY A 241 3.85 9.10 -13.96
CA GLY A 241 4.84 10.16 -13.84
C GLY A 241 5.04 10.48 -12.37
N SER A 242 5.76 11.57 -12.10
CA SER A 242 5.96 11.94 -10.69
C SER A 242 4.64 12.43 -10.08
N ILE A 243 4.52 12.29 -8.77
CA ILE A 243 3.31 12.74 -8.08
C ILE A 243 2.97 14.19 -8.47
N ILE A 244 3.95 15.08 -8.34
CA ILE A 244 3.71 16.52 -8.52
C ILE A 244 3.36 16.92 -9.96
N THR A 245 3.95 16.26 -10.94
CA THR A 245 3.63 16.59 -12.35
C THR A 245 2.31 15.98 -12.83
N THR A 246 1.86 14.93 -12.16
CA THR A 246 0.68 14.16 -12.61
C THR A 246 -0.60 14.55 -11.90
N ILE A 247 -0.50 14.78 -10.59
CA ILE A 247 -1.67 15.25 -9.85
C ILE A 247 -1.46 16.73 -9.51
N TYR A 248 -0.63 16.97 -8.49
CA TYR A 248 -0.26 18.30 -8.00
C TYR A 248 0.61 18.07 -6.77
N GLN A 249 0.98 19.17 -6.12
CA GLN A 249 1.75 19.10 -4.90
C GLN A 249 0.98 18.30 -3.83
N ALA A 250 1.72 17.46 -3.11
CA ALA A 250 1.23 16.66 -1.99
C ALA A 250 2.45 16.44 -1.13
N SER A 251 2.35 16.74 0.16
CA SER A 251 3.49 16.70 1.05
C SER A 251 3.28 15.65 2.16
N GLY A 252 4.37 15.26 2.81
CA GLY A 252 4.31 14.27 3.89
C GLY A 252 3.88 12.90 3.39
N GLY A 253 4.17 12.61 2.12
CA GLY A 253 3.74 11.34 1.49
C GLY A 253 4.67 10.16 1.71
N SER A 254 4.10 8.95 1.66
CA SER A 254 4.85 7.73 2.02
C SER A 254 6.06 7.44 1.10
N ILE A 255 5.87 7.56 -0.21
CA ILE A 255 6.92 7.17 -1.17
C ILE A 255 7.99 8.27 -1.26
N ASP A 256 7.63 9.51 -0.92
CA ASP A 256 8.65 10.54 -0.80
C ASP A 256 9.55 10.23 0.39
N TRP A 257 8.94 9.82 1.49
CA TRP A 257 9.70 9.37 2.65
C TRP A 257 10.54 8.13 2.32
N SER A 258 9.93 7.12 1.70
CA SER A 258 10.66 5.86 1.45
C SER A 258 11.86 6.13 0.52
N TYR A 259 11.63 6.91 -0.53
CA TYR A 259 12.67 7.27 -1.49
C TYR A 259 13.83 7.98 -0.77
N ASN A 260 13.49 8.90 0.11
CA ASN A 260 14.51 9.62 0.91
C ASN A 260 15.28 8.76 1.91
N GLN A 261 14.81 7.53 2.18
CA GLN A 261 15.54 6.55 2.99
C GLN A 261 16.46 5.69 2.14
N GLY A 262 16.48 5.96 0.85
CA GLY A 262 17.34 5.23 -0.07
C GLY A 262 16.63 4.08 -0.73
N ILE A 263 15.32 3.96 -0.53
CA ILE A 263 14.56 2.89 -1.18
C ILE A 263 14.18 3.30 -2.60
N LYS A 264 14.94 2.80 -3.57
CA LYS A 264 14.87 3.35 -4.93
C LYS A 264 13.51 3.14 -5.61
N TYR A 265 12.98 1.90 -5.56
CA TYR A 265 11.77 1.58 -6.33
C TYR A 265 10.55 1.88 -5.48
N SER A 266 10.29 3.18 -5.35
CA SER A 266 9.21 3.73 -4.53
C SER A 266 8.13 4.26 -5.47
N PHE A 267 6.97 3.59 -5.45
CA PHE A 267 5.86 3.92 -6.33
C PHE A 267 4.54 3.91 -5.58
N THR A 268 3.61 4.75 -6.02
CA THR A 268 2.24 4.73 -5.51
C THR A 268 1.30 4.36 -6.65
N PHE A 269 0.44 3.36 -6.42
CA PHE A 269 -0.59 2.99 -7.39
C PHE A 269 -1.89 3.62 -6.97
N GLU A 270 -2.60 4.19 -7.93
CA GLU A 270 -3.99 4.56 -7.72
C GLU A 270 -4.77 3.64 -8.62
N LEU A 271 -5.51 2.73 -8.00
CA LEU A 271 -6.20 1.67 -8.77
C LEU A 271 -7.48 2.16 -9.46
N ARG A 272 -8.29 1.21 -9.96
CA ARG A 272 -9.52 1.52 -10.68
C ARG A 272 -10.46 2.29 -9.79
N ASP A 273 -11.35 3.13 -10.35
CA ASP A 273 -11.47 3.41 -11.78
C ASP A 273 -11.03 4.86 -12.04
N THR A 274 -11.66 5.54 -13.00
CA THR A 274 -11.41 6.97 -13.22
C THR A 274 -12.63 7.85 -12.89
N GLY A 275 -13.52 7.32 -12.07
CA GLY A 275 -14.60 8.09 -11.54
C GLY A 275 -15.99 7.61 -11.90
N ARG A 276 -16.12 6.62 -12.79
CA ARG A 276 -17.46 6.03 -13.02
C ARG A 276 -18.13 5.59 -11.71
N TYR A 277 -17.40 4.80 -10.89
CA TYR A 277 -17.91 4.37 -9.58
C TYR A 277 -17.13 4.98 -8.43
N GLY A 278 -15.91 5.42 -8.73
CA GLY A 278 -15.03 6.03 -7.75
C GLY A 278 -14.65 5.08 -6.60
N PHE A 279 -14.85 5.54 -5.37
CA PHE A 279 -14.49 4.71 -4.20
C PHE A 279 -15.39 3.49 -4.04
N LEU A 280 -16.59 3.59 -4.60
CA LEU A 280 -17.59 2.56 -4.47
C LEU A 280 -17.46 1.61 -5.65
N LEU A 281 -16.25 1.10 -5.89
CA LEU A 281 -16.01 0.20 -7.01
C LEU A 281 -16.78 -1.13 -6.77
N PRO A 282 -17.55 -1.57 -7.78
CA PRO A 282 -18.31 -2.81 -7.63
C PRO A 282 -17.46 -4.01 -7.28
N ALA A 283 -17.97 -4.85 -6.39
CA ALA A 283 -17.30 -6.11 -6.01
C ALA A 283 -16.86 -6.94 -7.20
N SER A 284 -17.62 -6.90 -8.30
CA SER A 284 -17.29 -7.70 -9.51
C SER A 284 -15.94 -7.30 -10.15
N GLN A 285 -15.45 -6.14 -9.74
CA GLN A 285 -14.17 -5.59 -10.23
C GLN A 285 -12.95 -5.94 -9.36
N ILE A 286 -13.21 -6.55 -8.20
CA ILE A 286 -12.10 -6.88 -7.27
C ILE A 286 -11.06 -7.80 -7.95
N ILE A 287 -11.50 -8.97 -8.41
CA ILE A 287 -10.55 -9.96 -8.94
C ILE A 287 -9.84 -9.42 -10.21
N PRO A 288 -10.59 -8.88 -11.22
CA PRO A 288 -9.88 -8.34 -12.39
C PRO A 288 -8.89 -7.24 -12.02
N THR A 289 -9.27 -6.36 -11.09
CA THR A 289 -8.36 -5.31 -10.61
C THR A 289 -7.07 -5.91 -9.98
N ALA A 290 -7.26 -6.86 -9.08
CA ALA A 290 -6.14 -7.49 -8.39
C ALA A 290 -5.25 -8.18 -9.42
N GLN A 291 -5.88 -8.89 -10.36
CA GLN A 291 -5.12 -9.62 -11.39
C GLN A 291 -4.23 -8.71 -12.20
N GLU A 292 -4.78 -7.63 -12.75
CA GLU A 292 -3.99 -6.75 -13.62
C GLU A 292 -2.95 -6.01 -12.78
N THR A 293 -3.32 -5.62 -11.56
CA THR A 293 -2.41 -4.82 -10.73
C THR A 293 -1.21 -5.71 -10.39
N TRP A 294 -1.49 -6.99 -10.12
CA TRP A 294 -0.40 -7.93 -9.87
C TRP A 294 0.63 -7.92 -10.99
N LEU A 295 0.17 -7.92 -12.24
CA LEU A 295 1.09 -7.91 -13.38
C LEU A 295 1.99 -6.69 -13.31
N GLY A 296 1.42 -5.53 -12.99
CA GLY A 296 2.21 -4.30 -12.81
C GLY A 296 3.23 -4.40 -11.68
N VAL A 297 2.77 -4.85 -10.51
CA VAL A 297 3.63 -5.02 -9.33
C VAL A 297 4.75 -6.01 -9.61
N LEU A 298 4.43 -7.15 -10.20
CA LEU A 298 5.45 -8.14 -10.57
C LEU A 298 6.55 -7.51 -11.44
N THR A 299 6.15 -6.69 -12.42
CA THR A 299 7.08 -5.98 -13.30
C THR A 299 8.05 -5.16 -12.47
N ILE A 300 7.53 -4.43 -11.49
CA ILE A 300 8.40 -3.65 -10.62
C ILE A 300 9.30 -4.57 -9.81
N MET A 301 8.75 -5.62 -9.20
CA MET A 301 9.60 -6.54 -8.42
C MET A 301 10.73 -7.14 -9.25
N GLU A 302 10.43 -7.49 -10.49
CA GLU A 302 11.47 -8.08 -11.37
C GLU A 302 12.62 -7.11 -11.60
N HIS A 303 12.32 -5.82 -11.68
CA HIS A 303 13.33 -4.79 -11.83
C HIS A 303 14.14 -4.60 -10.55
N THR A 304 13.56 -4.99 -9.42
CA THR A 304 14.23 -4.83 -8.14
C THR A 304 15.26 -5.93 -7.92
N VAL A 305 14.88 -7.18 -8.23
CA VAL A 305 15.77 -8.33 -8.03
C VAL A 305 16.95 -8.29 -9.02
N ASN A 306 16.69 -7.74 -10.20
CA ASN A 306 17.67 -7.68 -11.28
C ASN A 306 18.49 -6.36 -11.26
N ASN A 307 18.34 -5.63 -10.16
CA ASN A 307 19.00 -4.33 -9.98
C ASN A 307 19.42 -4.13 -8.53
#